data_2FZ2
#
_entry.id   2FZ2
#
_cell.length_a   511.530
_cell.length_b   511.530
_cell.length_c   303.760
_cell.angle_alpha   90.00
_cell.angle_beta   90.00
_cell.angle_gamma   120.00
#
_symmetry.space_group_name_H-M   'P 64 2 2'
#
loop_
_entity.id
_entity.type
_entity.pdbx_description
1 polymer "5'-R(*CP*CP*C)-3'"
2 polymer 'Coat protein'
#
loop_
_entity_poly.entity_id
_entity_poly.type
_entity_poly.pdbx_seq_one_letter_code
_entity_poly.pdbx_strand_id
1 'polyribonucleotide' CCC D
2 'polypeptide(L)'
;MEIDKELAPQDRTVTVATVLPTVPGPSPFTIKQPFQSEVLFAGTKDAEASLTIANIDSVSTLTTFYRHASLESLWVTIHP
TLQAPAFPTTVGVCWVPAQSPVTPTQITKTYGGQIFCIGGAIQTLSPLIVKCPLEMMQPRVKDSIQYLDSPKLLISITAQ
PTAPPASTCIITVSGTLSMHSPLITDTST
;
A,B,C
#
# COMPACT_ATOMS: atom_id res chain seq x y z
N PRO B 26 -10.21 -23.53 -7.61
CA PRO B 26 -10.34 -23.65 -6.13
C PRO B 26 -11.60 -22.96 -5.55
N SER B 27 -11.68 -22.85 -4.22
CA SER B 27 -12.83 -22.22 -3.53
C SER B 27 -12.44 -21.55 -2.18
N PRO B 28 -13.29 -20.64 -1.66
CA PRO B 28 -13.00 -19.96 -0.39
C PRO B 28 -12.95 -20.85 0.87
N PHE B 29 -14.07 -20.89 1.61
CA PHE B 29 -14.29 -21.66 2.85
C PHE B 29 -14.44 -20.77 4.09
N THR B 30 -14.93 -19.56 3.87
CA THR B 30 -15.15 -18.52 4.88
C THR B 30 -16.14 -18.79 6.02
N ILE B 31 -16.07 -17.98 7.08
CA ILE B 31 -17.03 -18.01 8.21
C ILE B 31 -17.47 -16.57 8.42
N LYS B 32 -18.62 -16.42 9.05
CA LYS B 32 -19.17 -15.10 9.34
C LYS B 32 -19.19 -15.06 10.86
N GLN B 33 -18.77 -13.92 11.41
CA GLN B 33 -18.75 -13.70 12.85
C GLN B 33 -19.25 -12.29 13.15
N PRO B 34 -20.26 -12.16 14.03
CA PRO B 34 -20.86 -10.87 14.41
C PRO B 34 -20.26 -10.30 15.68
N PHE B 35 -20.56 -9.03 15.96
CA PHE B 35 -20.00 -8.35 17.14
C PHE B 35 -20.68 -7.01 17.46
N GLN B 36 -20.38 -6.50 18.65
CA GLN B 36 -20.87 -5.19 19.09
C GLN B 36 -19.67 -4.66 19.83
N SER B 37 -19.26 -3.44 19.50
CA SER B 37 -18.09 -2.88 20.14
C SER B 37 -18.38 -1.56 20.83
N GLU B 38 -17.99 -1.48 22.09
CA GLU B 38 -18.17 -0.26 22.85
C GLU B 38 -17.12 0.66 22.26
N VAL B 39 -17.54 1.84 21.79
CA VAL B 39 -16.56 2.77 21.22
C VAL B 39 -16.55 4.09 21.94
N LEU B 40 -17.64 4.41 22.62
CA LEU B 40 -17.66 5.66 23.35
C LEU B 40 -18.75 5.86 24.37
N PHE B 41 -18.34 6.30 25.55
CA PHE B 41 -19.27 6.58 26.64
C PHE B 41 -19.37 8.10 26.66
N ALA B 42 -20.47 8.62 26.16
CA ALA B 42 -20.60 10.06 26.07
C ALA B 42 -21.57 10.71 27.00
N GLY B 43 -21.51 12.04 27.00
CA GLY B 43 -22.42 12.82 27.80
C GLY B 43 -21.81 13.64 28.92
N THR B 44 -20.60 13.29 29.33
CA THR B 44 -19.94 14.01 30.41
C THR B 44 -19.24 15.29 29.99
N LYS B 45 -18.76 15.35 28.75
CA LYS B 45 -18.06 16.52 28.25
C LYS B 45 -18.20 16.52 26.75
N ASP B 46 -17.96 17.67 26.11
CA ASP B 46 -18.03 17.74 24.66
C ASP B 46 -16.91 16.84 24.18
N ALA B 47 -17.10 16.22 23.01
CA ALA B 47 -16.07 15.34 22.49
C ALA B 47 -16.23 15.00 21.01
N GLU B 48 -15.11 14.71 20.37
CA GLU B 48 -15.09 14.38 18.94
C GLU B 48 -14.46 12.98 18.84
N ALA B 49 -14.65 12.32 17.70
CA ALA B 49 -14.07 10.98 17.48
C ALA B 49 -14.03 10.58 15.99
N SER B 50 -12.90 10.00 15.58
CA SER B 50 -12.73 9.58 14.18
C SER B 50 -12.24 8.14 14.21
N LEU B 51 -13.15 7.19 14.06
CA LEU B 51 -12.79 5.80 14.14
C LEU B 51 -12.68 4.98 12.88
N THR B 52 -11.47 4.48 12.64
CA THR B 52 -11.19 3.64 11.49
C THR B 52 -11.64 2.28 11.99
N ILE B 53 -12.76 1.81 11.48
CA ILE B 53 -13.33 0.55 11.94
C ILE B 53 -12.45 -0.65 12.06
N ALA B 54 -11.68 -0.94 11.02
CA ALA B 54 -10.84 -2.12 11.07
C ALA B 54 -9.87 -2.16 12.25
N ASN B 55 -9.87 -1.12 13.07
CA ASN B 55 -8.96 -1.08 14.20
C ASN B 55 -9.65 -1.20 15.56
N ILE B 56 -10.96 -1.13 15.58
CA ILE B 56 -11.64 -1.23 16.85
C ILE B 56 -11.55 -2.64 17.44
N ASP B 57 -11.17 -2.71 18.73
CA ASP B 57 -10.97 -3.97 19.45
C ASP B 57 -11.74 -5.19 18.97
N SER B 58 -13.06 -5.14 19.00
CA SER B 58 -13.85 -6.30 18.57
C SER B 58 -13.38 -6.86 17.22
N VAL B 59 -12.97 -5.99 16.31
CA VAL B 59 -12.54 -6.42 14.99
C VAL B 59 -11.12 -6.94 15.00
N SER B 60 -10.20 -6.09 15.40
CA SER B 60 -8.79 -6.48 15.45
C SER B 60 -8.66 -7.77 16.23
N THR B 61 -9.73 -8.15 16.92
CA THR B 61 -9.74 -9.36 17.71
C THR B 61 -10.21 -10.58 16.90
N LEU B 62 -11.37 -10.45 16.28
CA LEU B 62 -11.89 -11.56 15.51
C LEU B 62 -10.91 -11.94 14.41
N THR B 63 -10.59 -10.94 13.59
CA THR B 63 -9.66 -11.00 12.46
C THR B 63 -8.29 -11.58 12.79
N THR B 64 -7.92 -11.48 14.07
CA THR B 64 -6.65 -11.97 14.54
C THR B 64 -6.08 -13.18 13.84
N PHE B 65 -6.92 -14.18 13.56
CA PHE B 65 -6.44 -15.40 12.93
C PHE B 65 -6.70 -15.59 11.45
N TYR B 66 -6.96 -14.49 10.74
CA TYR B 66 -7.24 -14.62 9.31
C TYR B 66 -6.42 -13.67 8.48
N ARG B 67 -6.32 -14.01 7.19
CA ARG B 67 -5.58 -13.22 6.22
C ARG B 67 -6.49 -12.31 5.43
N HIS B 68 -7.80 -12.55 5.48
CA HIS B 68 -8.78 -11.70 4.80
C HIS B 68 -10.06 -11.63 5.58
N ALA B 69 -10.64 -10.43 5.67
CA ALA B 69 -11.88 -10.23 6.40
C ALA B 69 -12.64 -9.06 5.81
N SER B 70 -13.86 -9.33 5.36
CA SER B 70 -14.72 -8.32 4.76
C SER B 70 -15.90 -8.10 5.69
N LEU B 71 -16.53 -6.95 5.58
CA LEU B 71 -17.69 -6.63 6.40
C LEU B 71 -18.96 -6.86 5.61
N GLU B 72 -19.88 -7.66 6.16
CA GLU B 72 -21.11 -7.92 5.43
C GLU B 72 -22.21 -6.96 5.85
N SER B 73 -22.08 -6.41 7.05
CA SER B 73 -23.07 -5.48 7.55
C SER B 73 -22.45 -4.69 8.67
N LEU B 74 -22.90 -3.45 8.85
CA LEU B 74 -22.33 -2.64 9.92
C LEU B 74 -23.13 -1.40 10.19
N TRP B 75 -23.18 -1.02 11.47
CA TRP B 75 -23.92 0.16 11.89
C TRP B 75 -23.51 0.63 13.27
N VAL B 76 -24.01 1.79 13.65
CA VAL B 76 -23.73 2.33 14.97
C VAL B 76 -25.03 2.35 15.75
N THR B 77 -24.94 2.09 17.04
CA THR B 77 -26.10 2.05 17.91
C THR B 77 -25.83 3.00 19.06
N ILE B 78 -26.86 3.70 19.52
CA ILE B 78 -26.67 4.63 20.64
C ILE B 78 -27.57 4.25 21.84
N HIS B 79 -27.03 3.46 22.75
CA HIS B 79 -27.81 3.07 23.92
C HIS B 79 -27.76 4.23 24.89
N PRO B 80 -28.93 4.69 25.35
CA PRO B 80 -29.06 5.81 26.28
C PRO B 80 -29.24 5.36 27.71
N THR B 81 -28.60 6.05 28.65
CA THR B 81 -28.71 5.71 30.08
C THR B 81 -29.82 6.52 30.72
N LEU B 82 -30.02 6.34 32.02
CA LEU B 82 -31.06 7.07 32.74
C LEU B 82 -30.66 8.52 32.95
N GLN B 83 -29.44 8.85 32.58
CA GLN B 83 -28.95 10.21 32.73
C GLN B 83 -29.58 11.08 31.66
N ALA B 84 -29.86 10.44 30.53
CA ALA B 84 -30.41 11.12 29.38
C ALA B 84 -31.52 12.11 29.67
N PRO B 85 -32.59 11.64 30.32
CA PRO B 85 -33.73 12.52 30.64
C PRO B 85 -33.35 13.80 31.39
N ALA B 86 -32.47 13.65 32.36
CA ALA B 86 -32.02 14.77 33.17
C ALA B 86 -31.04 15.64 32.41
N PHE B 87 -30.24 15.01 31.56
CA PHE B 87 -29.24 15.73 30.80
C PHE B 87 -29.19 15.51 29.30
N PRO B 88 -30.14 16.09 28.57
CA PRO B 88 -30.20 15.96 27.12
C PRO B 88 -28.84 16.21 26.48
N THR B 89 -28.52 15.41 25.48
CA THR B 89 -27.24 15.52 24.82
C THR B 89 -27.34 15.56 23.31
N THR B 90 -26.57 16.45 22.69
CA THR B 90 -26.54 16.56 21.25
C THR B 90 -25.54 15.54 20.76
N VAL B 91 -26.01 14.54 20.00
CA VAL B 91 -25.10 13.52 19.50
C VAL B 91 -25.18 13.38 17.99
N GLY B 92 -24.04 13.58 17.34
CA GLY B 92 -24.00 13.46 15.91
C GLY B 92 -23.08 12.33 15.52
N VAL B 93 -23.42 11.66 14.43
CA VAL B 93 -22.61 10.56 13.93
C VAL B 93 -22.71 10.53 12.44
N CYS B 94 -21.69 9.97 11.80
CA CYS B 94 -21.67 9.89 10.37
C CYS B 94 -20.69 8.86 9.83
N TRP B 95 -21.19 8.06 8.89
CA TRP B 95 -20.38 7.02 8.29
C TRP B 95 -19.65 7.59 7.10
N VAL B 96 -18.38 7.24 6.95
CA VAL B 96 -17.57 7.76 5.86
C VAL B 96 -16.42 6.81 5.49
N PRO B 97 -15.91 6.91 4.26
CA PRO B 97 -14.80 6.03 3.86
C PRO B 97 -13.47 6.62 4.28
N ALA B 98 -12.76 5.87 5.11
CA ALA B 98 -11.46 6.24 5.67
C ALA B 98 -10.75 7.48 5.14
N GLN B 99 -10.53 7.55 3.84
CA GLN B 99 -9.82 8.69 3.30
C GLN B 99 -10.68 9.88 2.90
N SER B 100 -11.79 10.05 3.63
CA SER B 100 -12.63 11.20 3.40
C SER B 100 -12.05 12.21 4.38
N PRO B 101 -11.82 13.44 3.93
CA PRO B 101 -11.26 14.54 4.70
C PRO B 101 -12.18 15.17 5.73
N VAL B 102 -13.33 14.56 5.94
CA VAL B 102 -14.27 15.13 6.87
C VAL B 102 -13.91 15.03 8.35
N THR B 103 -14.21 16.12 9.04
CA THR B 103 -14.00 16.24 10.46
C THR B 103 -15.39 16.25 11.10
N PRO B 104 -15.54 15.55 12.23
CA PRO B 104 -16.79 15.44 12.99
C PRO B 104 -17.57 16.75 13.16
N THR B 105 -16.90 17.88 13.01
CA THR B 105 -17.54 19.17 13.15
C THR B 105 -18.45 19.42 11.95
N GLN B 106 -18.14 18.76 10.84
CA GLN B 106 -18.93 18.95 9.64
C GLN B 106 -19.86 17.78 9.32
N ILE B 107 -20.41 17.14 10.34
CA ILE B 107 -21.26 15.99 10.09
C ILE B 107 -22.46 16.34 9.23
N THR B 108 -23.16 17.38 9.62
CA THR B 108 -24.35 17.81 8.91
C THR B 108 -24.12 18.40 7.53
N LYS B 109 -22.88 18.47 7.09
CA LYS B 109 -22.55 19.03 5.78
C LYS B 109 -22.31 17.90 4.81
N THR B 110 -22.20 16.69 5.37
CA THR B 110 -21.95 15.49 4.57
C THR B 110 -23.14 14.52 4.52
N TYR B 111 -23.29 13.85 3.39
CA TYR B 111 -24.40 12.93 3.15
C TYR B 111 -24.90 11.98 4.25
N GLY B 112 -24.13 10.95 4.55
CA GLY B 112 -24.58 10.00 5.56
C GLY B 112 -24.99 10.61 6.91
N GLY B 113 -24.25 11.64 7.27
CA GLY B 113 -24.43 12.32 8.52
C GLY B 113 -25.79 12.71 9.01
N GLN B 114 -25.91 12.68 10.33
CA GLN B 114 -27.11 13.09 11.01
C GLN B 114 -26.90 13.24 12.51
N ILE B 115 -27.62 14.21 13.08
CA ILE B 115 -27.55 14.55 14.48
C ILE B 115 -28.80 14.18 15.26
N PHE B 116 -28.60 13.87 16.54
CA PHE B 116 -29.66 13.46 17.44
C PHE B 116 -29.68 14.25 18.73
N CYS B 117 -30.79 14.08 19.45
CA CYS B 117 -30.91 14.66 20.77
C CYS B 117 -31.32 13.49 21.65
N ILE B 118 -30.55 13.27 22.71
CA ILE B 118 -30.80 12.19 23.63
C ILE B 118 -31.23 12.78 24.96
N GLY B 119 -32.54 12.91 25.21
CA GLY B 119 -32.94 13.51 26.47
C GLY B 119 -34.32 13.30 27.04
N GLY B 120 -34.80 14.32 27.78
CA GLY B 120 -36.11 14.30 28.42
C GLY B 120 -37.28 14.41 27.46
N ALA B 121 -37.00 14.06 26.20
CA ALA B 121 -37.95 14.06 25.10
C ALA B 121 -37.87 12.65 24.44
N ILE B 122 -37.81 12.54 23.11
CA ILE B 122 -37.72 11.21 22.48
C ILE B 122 -36.31 10.58 22.64
N GLN B 123 -36.30 9.34 23.15
CA GLN B 123 -35.06 8.58 23.38
C GLN B 123 -35.26 7.05 23.51
N THR B 124 -34.85 6.31 22.47
CA THR B 124 -34.90 4.84 22.41
C THR B 124 -36.15 4.13 21.83
N LEU B 125 -36.60 4.60 20.67
CA LEU B 125 -37.71 3.95 19.97
C LEU B 125 -36.98 3.04 18.97
N SER B 126 -36.09 2.22 19.54
CA SER B 126 -35.17 1.25 18.88
C SER B 126 -33.80 1.95 18.93
N PRO B 127 -33.14 2.00 20.14
CA PRO B 127 -31.85 2.62 20.41
C PRO B 127 -31.08 3.12 19.20
N LEU B 128 -31.77 3.97 18.43
CA LEU B 128 -31.26 4.57 17.22
C LEU B 128 -30.00 3.98 16.67
N ILE B 129 -30.11 3.51 15.45
CA ILE B 129 -28.99 2.92 14.77
C ILE B 129 -28.83 3.74 13.51
N VAL B 130 -27.67 3.65 12.90
CA VAL B 130 -27.43 4.33 11.66
C VAL B 130 -26.64 3.36 10.81
N LYS B 131 -27.34 2.71 9.89
CA LYS B 131 -26.72 1.72 9.03
C LYS B 131 -25.61 2.34 8.23
N CYS B 132 -24.46 1.68 8.21
CA CYS B 132 -23.36 2.18 7.41
C CYS B 132 -23.58 1.56 6.02
N PRO B 133 -23.51 2.38 4.98
CA PRO B 133 -23.68 2.00 3.58
C PRO B 133 -22.39 1.49 2.98
N LEU B 134 -22.15 0.19 3.18
CA LEU B 134 -20.95 -0.44 2.66
C LEU B 134 -20.90 -0.44 1.15
N GLU B 135 -22.03 -0.11 0.52
CA GLU B 135 -22.12 -0.05 -0.93
C GLU B 135 -21.24 1.11 -1.34
N MET B 136 -21.05 2.03 -0.40
CA MET B 136 -20.27 3.24 -0.64
C MET B 136 -18.84 3.26 -0.14
N MET B 137 -18.30 2.08 0.19
CA MET B 137 -16.93 1.98 0.67
C MET B 137 -16.30 0.60 0.48
N GLN B 138 -15.11 0.44 1.05
CA GLN B 138 -14.36 -0.79 0.97
C GLN B 138 -14.68 -1.58 2.22
N PRO B 139 -15.40 -2.71 2.08
CA PRO B 139 -15.79 -3.57 3.19
C PRO B 139 -14.64 -4.41 3.71
N ARG B 140 -13.64 -4.59 2.85
CA ARG B 140 -12.48 -5.37 3.21
C ARG B 140 -11.74 -4.62 4.35
N VAL B 141 -11.45 -5.31 5.46
CA VAL B 141 -10.74 -4.68 6.58
C VAL B 141 -9.40 -5.33 6.94
N LYS B 142 -9.06 -6.41 6.21
CA LYS B 142 -7.79 -7.10 6.37
C LYS B 142 -7.58 -7.85 5.07
N ASP B 143 -6.44 -7.62 4.43
CA ASP B 143 -6.13 -8.31 3.18
C ASP B 143 -4.66 -8.42 2.96
N SER B 144 -4.30 -8.88 1.77
CA SER B 144 -2.90 -9.02 1.41
C SER B 144 -2.29 -7.61 1.30
N ILE B 145 -3.17 -6.60 1.31
CA ILE B 145 -2.73 -5.20 1.25
C ILE B 145 -3.51 -4.25 2.15
N GLN B 146 -3.07 -2.99 2.13
CA GLN B 146 -3.69 -1.95 2.94
C GLN B 146 -4.60 -1.08 2.10
N TYR B 147 -5.88 -1.08 2.43
CA TYR B 147 -6.85 -0.26 1.69
C TYR B 147 -7.02 1.07 2.43
N LEU B 148 -7.43 2.11 1.72
CA LEU B 148 -7.59 3.40 2.37
C LEU B 148 -9.03 3.84 2.48
N ASP B 149 -9.93 3.15 1.79
CA ASP B 149 -11.33 3.52 1.85
C ASP B 149 -12.20 2.58 2.68
N SER B 150 -11.65 2.05 3.76
CA SER B 150 -12.45 1.18 4.62
C SER B 150 -13.40 2.12 5.40
N PRO B 151 -14.38 1.57 6.14
CA PRO B 151 -15.30 2.41 6.91
C PRO B 151 -14.67 3.14 8.09
N LYS B 152 -15.03 4.42 8.23
CA LYS B 152 -14.58 5.32 9.29
C LYS B 152 -15.88 5.85 9.90
N LEU B 153 -15.89 6.04 11.22
CA LEU B 153 -17.09 6.54 11.89
C LEU B 153 -16.77 7.85 12.56
N LEU B 154 -17.63 8.84 12.33
CA LEU B 154 -17.43 10.14 12.93
C LEU B 154 -18.40 10.38 14.04
N ILE B 155 -17.93 10.95 15.14
CA ILE B 155 -18.83 11.24 16.25
C ILE B 155 -18.59 12.60 16.86
N SER B 156 -19.67 13.36 17.04
CA SER B 156 -19.58 14.67 17.64
C SER B 156 -20.56 14.78 18.80
N ILE B 157 -20.03 15.12 19.97
CA ILE B 157 -20.82 15.27 21.18
C ILE B 157 -20.78 16.68 21.72
N THR B 158 -21.93 17.13 22.20
CA THR B 158 -22.08 18.46 22.77
C THR B 158 -22.88 18.14 24.02
N ALA B 159 -22.34 18.45 25.20
CA ALA B 159 -23.03 18.13 26.46
C ALA B 159 -23.54 19.34 27.22
N GLN B 160 -24.35 19.06 28.25
CA GLN B 160 -24.92 20.10 29.09
C GLN B 160 -23.78 20.93 29.69
N PRO B 161 -23.92 22.25 29.71
CA PRO B 161 -22.83 23.06 30.27
C PRO B 161 -22.64 22.59 31.69
N THR B 162 -23.75 22.57 32.42
CA THR B 162 -23.79 22.12 33.80
C THR B 162 -23.93 20.61 33.63
N ALA B 163 -22.79 19.98 33.35
CA ALA B 163 -22.63 18.55 33.09
C ALA B 163 -23.29 17.51 34.01
N PRO B 164 -23.58 16.30 33.47
CA PRO B 164 -24.19 15.23 34.24
C PRO B 164 -23.14 14.50 35.05
N PRO B 165 -23.58 13.65 36.00
CA PRO B 165 -22.66 12.91 36.86
C PRO B 165 -21.93 11.80 36.12
N ALA B 166 -22.70 10.98 35.40
CA ALA B 166 -22.15 9.87 34.63
C ALA B 166 -22.50 10.00 33.16
N SER B 167 -22.01 9.04 32.37
CA SER B 167 -22.27 9.08 30.93
C SER B 167 -23.76 9.00 30.62
N THR B 168 -24.15 9.81 29.65
CA THR B 168 -25.52 9.96 29.21
C THR B 168 -25.99 8.89 28.25
N CYS B 169 -25.03 8.27 27.58
CA CYS B 169 -25.34 7.20 26.64
C CYS B 169 -24.09 6.48 26.17
N ILE B 170 -24.30 5.27 25.70
CA ILE B 170 -23.22 4.44 25.23
C ILE B 170 -23.30 4.26 23.74
N ILE B 171 -22.16 4.39 23.09
CA ILE B 171 -22.15 4.22 21.66
C ILE B 171 -21.35 3.00 21.21
N THR B 172 -22.06 2.06 20.60
CA THR B 172 -21.44 0.86 20.10
C THR B 172 -21.65 0.89 18.62
N VAL B 173 -21.03 -0.08 17.97
CA VAL B 173 -21.12 -0.23 16.55
C VAL B 173 -21.02 -1.73 16.39
N SER B 174 -21.99 -2.29 15.69
CA SER B 174 -21.99 -3.71 15.49
C SER B 174 -21.96 -4.03 14.01
N GLY B 175 -22.00 -5.31 13.71
CA GLY B 175 -21.98 -5.74 12.33
C GLY B 175 -21.48 -7.16 12.31
N THR B 176 -21.20 -7.69 11.12
CA THR B 176 -20.71 -9.03 11.01
C THR B 176 -19.57 -9.06 10.01
N LEU B 177 -18.61 -9.96 10.28
CA LEU B 177 -17.41 -10.13 9.46
C LEU B 177 -17.38 -11.41 8.63
N SER B 178 -16.69 -11.36 7.50
CA SER B 178 -16.59 -12.52 6.63
C SER B 178 -15.12 -12.81 6.35
N MET B 179 -14.53 -13.55 7.26
CA MET B 179 -13.12 -13.88 7.18
C MET B 179 -12.81 -15.26 6.59
N HIS B 180 -11.58 -15.41 6.11
CA HIS B 180 -11.09 -16.66 5.53
C HIS B 180 -9.58 -16.66 5.41
N SER B 181 -9.02 -17.84 5.19
CA SER B 181 -7.58 -18.00 5.05
C SER B 181 -6.88 -17.69 6.38
N PRO B 182 -6.47 -18.74 7.11
CA PRO B 182 -5.79 -18.64 8.39
C PRO B 182 -4.44 -17.96 8.42
N LEU B 183 -4.31 -17.05 9.38
CA LEU B 183 -3.08 -16.34 9.58
C LEU B 183 -2.41 -17.19 10.63
N ILE B 184 -1.29 -17.80 10.26
CA ILE B 184 -0.54 -18.66 11.17
C ILE B 184 0.17 -17.85 12.24
N THR B 185 -0.28 -17.96 13.49
CA THR B 185 0.33 -17.25 14.59
C THR B 185 0.24 -18.06 15.90
N ASP B 186 0.54 -17.38 17.00
CA ASP B 186 0.50 -17.98 18.30
C ASP B 186 -0.96 -18.17 18.72
N THR B 187 -1.41 -19.41 18.60
CA THR B 187 -2.78 -19.79 18.95
C THR B 187 -2.96 -19.88 20.46
N SER B 188 -1.86 -19.93 21.20
CA SER B 188 -1.86 -20.02 22.67
C SER B 188 -3.04 -19.29 23.32
N THR B 189 -3.19 -18.01 23.02
CA THR B 189 -4.29 -17.21 23.57
C THR B 189 -4.53 -16.01 22.65
N MET C 1 -2.57 21.03 -45.46
CA MET C 1 -2.57 22.22 -44.55
C MET C 1 -1.69 22.01 -43.31
N GLU C 2 -1.19 23.11 -42.75
CA GLU C 2 -0.32 23.04 -41.57
C GLU C 2 -1.07 23.12 -40.24
N ILE C 3 -0.54 22.41 -39.25
CA ILE C 3 -1.11 22.34 -37.89
C ILE C 3 -0.10 22.91 -36.91
N ASP C 4 -0.51 23.81 -36.04
CA ASP C 4 0.43 24.41 -35.09
C ASP C 4 0.74 23.53 -33.87
N LYS C 5 1.27 22.34 -34.11
CA LYS C 5 1.60 21.39 -33.05
C LYS C 5 2.88 20.66 -33.47
N GLU C 6 3.74 20.38 -32.50
CA GLU C 6 4.98 19.64 -32.73
C GLU C 6 4.99 18.56 -31.66
N LEU C 7 5.32 17.33 -32.05
CA LEU C 7 5.35 16.23 -31.09
C LEU C 7 6.73 15.67 -30.85
N ALA C 8 7.07 15.44 -29.59
CA ALA C 8 8.36 14.88 -29.23
C ALA C 8 8.00 13.69 -28.37
N PRO C 9 7.64 12.58 -28.99
CA PRO C 9 7.26 11.38 -28.23
C PRO C 9 8.45 10.78 -27.53
N GLN C 10 8.22 10.31 -26.32
CA GLN C 10 9.29 9.73 -25.52
C GLN C 10 9.66 8.36 -26.01
N ASP C 11 10.96 8.08 -26.08
CA ASP C 11 11.44 6.76 -26.49
C ASP C 11 10.76 5.80 -25.48
N ARG C 12 10.25 4.66 -25.95
CA ARG C 12 9.55 3.75 -25.05
C ARG C 12 10.04 2.30 -24.95
N THR C 13 9.32 1.50 -24.16
CA THR C 13 9.59 0.08 -23.93
C THR C 13 8.51 -0.58 -23.06
N VAL C 14 8.43 -1.90 -23.11
CA VAL C 14 7.46 -2.63 -22.33
C VAL C 14 7.87 -2.57 -20.87
N THR C 15 6.88 -2.40 -20.00
CA THR C 15 7.07 -2.34 -18.55
C THR C 15 5.67 -1.95 -18.11
N VAL C 16 5.04 -2.87 -17.39
CA VAL C 16 3.66 -2.70 -17.00
C VAL C 16 3.38 -2.53 -15.52
N ALA C 17 2.12 -2.19 -15.23
CA ALA C 17 1.65 -2.05 -13.85
C ALA C 17 0.56 -3.10 -13.50
N THR C 18 0.26 -3.22 -12.22
CA THR C 18 -0.77 -4.15 -11.77
C THR C 18 -1.84 -3.34 -11.07
N VAL C 19 -3.09 -3.81 -11.10
CA VAL C 19 -4.20 -3.08 -10.47
C VAL C 19 -5.30 -4.04 -10.03
N LEU C 20 -6.03 -3.69 -8.98
CA LEU C 20 -7.10 -4.55 -8.47
C LEU C 20 -8.43 -4.27 -9.17
N PRO C 21 -9.29 -5.29 -9.25
CA PRO C 21 -10.62 -5.24 -9.89
C PRO C 21 -11.78 -4.80 -8.97
N THR C 22 -12.50 -3.72 -9.32
CA THR C 22 -13.62 -3.26 -8.47
C THR C 22 -14.47 -4.49 -8.12
N VAL C 23 -15.09 -4.44 -6.95
CA VAL C 23 -15.91 -5.52 -6.44
C VAL C 23 -16.86 -6.12 -7.46
N PRO C 24 -16.93 -7.46 -7.54
CA PRO C 24 -17.85 -8.10 -8.50
C PRO C 24 -19.27 -7.54 -8.42
N GLY C 25 -19.96 -7.56 -9.56
CA GLY C 25 -21.31 -7.06 -9.60
C GLY C 25 -21.62 -6.29 -10.87
N PRO C 26 -22.45 -5.24 -10.78
CA PRO C 26 -22.82 -4.41 -11.94
C PRO C 26 -21.84 -3.25 -12.18
N SER C 27 -21.47 -3.02 -13.44
CA SER C 27 -20.55 -1.93 -13.78
C SER C 27 -21.09 -0.63 -13.17
N PRO C 28 -20.25 0.12 -12.45
CA PRO C 28 -20.77 1.36 -11.86
C PRO C 28 -20.78 2.52 -12.84
N PHE C 29 -21.72 3.44 -12.63
CA PHE C 29 -21.85 4.62 -13.47
C PHE C 29 -20.48 5.28 -13.37
N THR C 30 -19.99 5.75 -14.50
CA THR C 30 -18.68 6.37 -14.54
C THR C 30 -18.68 7.60 -15.46
N ILE C 31 -17.93 8.65 -15.10
CA ILE C 31 -17.84 9.86 -15.95
C ILE C 31 -16.41 10.03 -16.40
N LYS C 32 -16.24 10.90 -17.39
CA LYS C 32 -14.94 11.23 -17.93
C LYS C 32 -14.93 12.75 -17.79
N GLN C 33 -13.79 13.27 -17.36
CA GLN C 33 -13.62 14.70 -17.19
C GLN C 33 -12.20 15.09 -17.60
N PRO C 34 -12.07 16.01 -18.55
CA PRO C 34 -10.77 16.48 -19.06
C PRO C 34 -10.28 17.68 -18.28
N PHE C 35 -9.03 18.06 -18.51
CA PHE C 35 -8.46 19.20 -17.80
C PHE C 35 -7.15 19.64 -18.39
N GLN C 36 -6.77 20.87 -18.05
CA GLN C 36 -5.48 21.40 -18.46
C GLN C 36 -5.00 22.00 -17.17
N SER C 37 -3.75 21.74 -16.81
CA SER C 37 -3.26 22.28 -15.56
C SER C 37 -1.97 23.06 -15.74
N GLU C 38 -1.97 24.26 -15.17
CA GLU C 38 -0.82 25.14 -15.24
C GLU C 38 0.25 24.49 -14.39
N VAL C 39 1.35 24.14 -15.04
CA VAL C 39 2.46 23.48 -14.36
C VAL C 39 3.72 24.32 -14.17
N LEU C 40 4.00 25.22 -15.10
CA LEU C 40 5.19 26.03 -14.90
C LEU C 40 5.34 27.23 -15.81
N PHE C 41 5.63 28.38 -15.22
CA PHE C 41 5.83 29.65 -15.94
C PHE C 41 7.34 29.87 -16.08
N ALA C 42 7.97 29.06 -16.90
CA ALA C 42 9.42 29.10 -17.05
C ALA C 42 10.04 30.10 -17.99
N GLY C 43 11.37 30.21 -17.86
CA GLY C 43 12.12 31.07 -18.73
C GLY C 43 13.03 32.11 -18.10
N THR C 44 12.61 32.60 -16.93
CA THR C 44 13.33 33.63 -16.20
C THR C 44 14.52 33.21 -15.37
N LYS C 45 14.46 32.01 -14.80
CA LYS C 45 15.56 31.48 -14.00
C LYS C 45 15.52 29.99 -14.21
N ASP C 46 16.60 29.30 -13.83
CA ASP C 46 16.60 27.86 -14.00
C ASP C 46 15.73 27.31 -12.90
N ALA C 47 15.15 26.13 -13.14
CA ALA C 47 14.32 25.50 -12.13
C ALA C 47 14.04 24.05 -12.48
N GLU C 48 13.55 23.32 -11.48
CA GLU C 48 13.24 21.90 -11.62
C GLU C 48 11.76 21.69 -11.32
N ALA C 49 11.31 20.44 -11.40
CA ALA C 49 9.93 20.06 -11.11
C ALA C 49 9.76 18.55 -11.07
N SER C 50 9.32 18.02 -9.94
CA SER C 50 9.11 16.58 -9.79
C SER C 50 7.64 16.47 -9.47
N LEU C 51 6.83 16.36 -10.51
CA LEU C 51 5.38 16.33 -10.31
C LEU C 51 4.69 15.01 -10.35
N THR C 52 4.11 14.64 -9.22
CA THR C 52 3.38 13.40 -9.13
C THR C 52 2.00 13.77 -9.61
N ILE C 53 1.75 13.51 -10.89
CA ILE C 53 0.46 13.87 -11.49
C ILE C 53 -0.70 13.67 -10.56
N ALA C 54 -0.73 12.50 -9.95
CA ALA C 54 -1.81 12.15 -9.04
C ALA C 54 -2.33 13.31 -8.19
N ASN C 55 -1.46 14.24 -7.80
CA ASN C 55 -1.95 15.35 -7.00
C ASN C 55 -1.61 16.75 -7.43
N ILE C 56 -2.00 17.10 -8.65
CA ILE C 56 -1.76 18.45 -9.14
C ILE C 56 -3.15 19.10 -9.07
N ASP C 57 -3.19 20.42 -8.92
CA ASP C 57 -4.46 21.12 -8.78
C ASP C 57 -5.63 20.46 -9.51
N SER C 58 -5.67 20.61 -10.83
CA SER C 58 -6.78 20.06 -11.59
C SER C 58 -7.18 18.64 -11.21
N VAL C 59 -6.21 17.73 -11.13
CA VAL C 59 -6.52 16.35 -10.79
C VAL C 59 -7.05 16.14 -9.39
N SER C 60 -6.24 16.47 -8.39
CA SER C 60 -6.69 16.29 -7.02
C SER C 60 -8.13 16.80 -6.96
N THR C 61 -8.32 18.02 -7.44
CA THR C 61 -9.62 18.67 -7.45
C THR C 61 -10.70 17.79 -8.06
N LEU C 62 -10.56 17.47 -9.33
CA LEU C 62 -11.56 16.65 -10.02
C LEU C 62 -11.98 15.37 -9.29
N THR C 63 -10.97 14.55 -8.95
CA THR C 63 -11.11 13.27 -8.24
C THR C 63 -11.67 13.39 -6.85
N THR C 64 -11.49 14.58 -6.28
CA THR C 64 -11.95 14.89 -4.94
C THR C 64 -13.20 14.16 -4.47
N PHE C 65 -14.10 13.83 -5.40
CA PHE C 65 -15.33 13.15 -5.03
C PHE C 65 -15.49 11.69 -5.36
N TYR C 66 -14.45 11.04 -5.86
CA TYR C 66 -14.57 9.63 -6.21
C TYR C 66 -13.52 8.79 -5.53
N ARG C 67 -13.75 7.49 -5.38
CA ARG C 67 -12.77 6.63 -4.75
C ARG C 67 -11.92 5.92 -5.80
N HIS C 68 -12.32 6.02 -7.06
CA HIS C 68 -11.58 5.39 -8.17
C HIS C 68 -11.45 6.38 -9.32
N ALA C 69 -10.24 6.52 -9.86
CA ALA C 69 -9.97 7.46 -10.97
C ALA C 69 -8.79 6.98 -11.80
N SER C 70 -9.04 6.70 -13.07
CA SER C 70 -8.00 6.24 -13.99
C SER C 70 -7.77 7.30 -15.06
N LEU C 71 -6.54 7.40 -15.54
CA LEU C 71 -6.18 8.37 -16.58
C LEU C 71 -6.39 7.75 -17.96
N GLU C 72 -7.13 8.41 -18.84
CA GLU C 72 -7.37 7.84 -20.17
C GLU C 72 -6.41 8.39 -21.21
N SER C 73 -5.81 9.53 -20.89
CA SER C 73 -4.85 10.17 -21.78
C SER C 73 -4.16 11.25 -20.98
N LEU C 74 -2.89 11.45 -21.23
CA LEU C 74 -2.13 12.44 -20.49
C LEU C 74 -0.98 12.91 -21.33
N TRP C 75 -0.64 14.18 -21.19
CA TRP C 75 0.47 14.78 -21.91
C TRP C 75 0.82 16.15 -21.42
N VAL C 76 2.03 16.56 -21.76
CA VAL C 76 2.49 17.87 -21.36
C VAL C 76 2.72 18.70 -22.62
N THR C 77 2.31 19.95 -22.56
CA THR C 77 2.49 20.82 -23.69
C THR C 77 3.37 21.98 -23.30
N ILE C 78 4.21 22.43 -24.20
CA ILE C 78 5.07 23.57 -23.94
C ILE C 78 4.68 24.72 -24.84
N HIS C 79 3.95 25.68 -24.28
CA HIS C 79 3.52 26.81 -25.08
C HIS C 79 4.56 27.86 -24.99
N PRO C 80 5.16 28.23 -26.12
CA PRO C 80 6.18 29.27 -26.07
C PRO C 80 5.45 30.60 -26.02
N THR C 81 6.05 31.53 -25.27
CA THR C 81 5.55 32.89 -25.06
C THR C 81 6.08 33.91 -26.08
N LEU C 82 5.84 35.19 -25.85
CA LEU C 82 6.30 36.21 -26.77
C LEU C 82 7.75 36.58 -26.51
N GLN C 83 8.32 35.98 -25.47
CA GLN C 83 9.69 36.26 -25.12
C GLN C 83 10.58 35.16 -25.63
N ALA C 84 9.96 34.09 -26.09
CA ALA C 84 10.70 32.96 -26.59
C ALA C 84 11.62 33.31 -27.75
N PRO C 85 11.13 34.06 -28.73
CA PRO C 85 12.01 34.40 -29.85
C PRO C 85 13.29 35.15 -29.42
N ALA C 86 13.12 36.09 -28.51
CA ALA C 86 14.24 36.86 -28.04
C ALA C 86 15.15 36.12 -27.06
N PHE C 87 14.61 35.09 -26.40
CA PHE C 87 15.35 34.36 -25.40
C PHE C 87 15.22 32.85 -25.44
N PRO C 88 16.10 32.18 -26.19
CA PRO C 88 16.01 30.72 -26.25
C PRO C 88 16.04 30.18 -24.82
N THR C 89 15.50 28.98 -24.63
CA THR C 89 15.46 28.36 -23.31
C THR C 89 15.57 26.84 -23.39
N THR C 90 16.39 26.25 -22.52
CA THR C 90 16.51 24.81 -22.54
C THR C 90 15.47 24.22 -21.61
N VAL C 91 14.66 23.33 -22.16
CA VAL C 91 13.63 22.69 -21.37
C VAL C 91 13.80 21.20 -21.47
N GLY C 92 13.87 20.58 -20.30
CA GLY C 92 14.06 19.15 -20.24
C GLY C 92 12.75 18.51 -19.87
N VAL C 93 12.57 17.26 -20.27
CA VAL C 93 11.32 16.63 -19.94
C VAL C 93 11.32 15.10 -19.89
N CYS C 94 10.69 14.57 -18.85
CA CYS C 94 10.61 13.13 -18.72
C CYS C 94 9.44 12.57 -17.92
N TRP C 95 8.81 11.56 -18.50
CA TRP C 95 7.69 10.88 -17.91
C TRP C 95 8.26 9.69 -17.19
N VAL C 96 7.88 9.54 -15.94
CA VAL C 96 8.41 8.47 -15.15
C VAL C 96 7.44 8.02 -14.08
N PRO C 97 7.48 6.75 -13.73
CA PRO C 97 6.56 6.26 -12.70
C PRO C 97 6.96 6.85 -11.36
N ALA C 98 5.99 7.41 -10.67
CA ALA C 98 6.21 8.03 -9.38
C ALA C 98 7.39 7.52 -8.57
N GLN C 99 7.50 6.20 -8.44
CA GLN C 99 8.55 5.62 -7.65
C GLN C 99 9.92 5.41 -8.31
N SER C 100 10.19 6.15 -9.36
CA SER C 100 11.49 6.09 -9.99
C SER C 100 12.26 7.27 -9.34
N PRO C 101 13.37 6.98 -8.66
CA PRO C 101 14.28 7.87 -7.93
C PRO C 101 14.94 9.00 -8.65
N VAL C 102 14.51 9.24 -9.88
CA VAL C 102 15.11 10.31 -10.67
C VAL C 102 14.78 11.76 -10.30
N THR C 103 15.76 12.62 -10.49
CA THR C 103 15.63 14.04 -10.23
C THR C 103 15.82 14.69 -11.60
N PRO C 104 15.12 15.80 -11.86
CA PRO C 104 15.19 16.53 -13.12
C PRO C 104 16.60 16.65 -13.71
N THR C 105 17.59 16.79 -12.85
CA THR C 105 18.96 16.91 -13.33
C THR C 105 19.40 15.64 -14.03
N GLN C 106 18.74 14.54 -13.72
CA GLN C 106 19.08 13.26 -14.31
C GLN C 106 18.31 12.88 -15.56
N ILE C 107 17.50 13.80 -16.08
CA ILE C 107 16.71 13.51 -17.28
C ILE C 107 17.57 12.87 -18.36
N THR C 108 18.74 13.45 -18.57
CA THR C 108 19.66 12.97 -19.57
C THR C 108 20.32 11.62 -19.27
N LYS C 109 20.08 11.04 -18.08
CA LYS C 109 20.68 9.74 -17.74
C LYS C 109 19.61 8.66 -17.73
N THR C 110 18.38 9.12 -17.95
CA THR C 110 17.20 8.28 -17.98
C THR C 110 16.72 8.00 -19.40
N TYR C 111 16.27 6.77 -19.63
CA TYR C 111 15.81 6.37 -20.96
C TYR C 111 14.93 7.34 -21.74
N GLY C 112 13.70 7.54 -21.32
CA GLY C 112 12.84 8.46 -22.06
C GLY C 112 13.39 9.88 -22.20
N GLY C 113 14.18 10.28 -21.20
CA GLY C 113 14.81 11.60 -21.12
C GLY C 113 14.87 12.37 -22.41
N GLN C 114 14.49 13.64 -22.36
CA GLN C 114 14.47 14.46 -23.56
C GLN C 114 14.70 15.92 -23.26
N ILE C 115 15.43 16.62 -24.13
CA ILE C 115 15.61 18.05 -23.90
C ILE C 115 15.69 18.83 -25.20
N PHE C 116 15.02 19.99 -25.17
CA PHE C 116 14.95 20.83 -26.34
C PHE C 116 15.23 22.28 -26.08
N CYS C 117 15.57 22.95 -27.16
CA CYS C 117 15.87 24.37 -27.13
C CYS C 117 14.62 25.03 -27.63
N ILE C 118 14.03 25.88 -26.81
CA ILE C 118 12.80 26.56 -27.16
C ILE C 118 13.03 28.05 -27.33
N GLY C 119 12.85 28.55 -28.55
CA GLY C 119 13.06 29.97 -28.73
C GLY C 119 14.05 30.32 -29.82
N GLY C 120 14.39 31.61 -29.90
CA GLY C 120 15.32 32.07 -30.92
C GLY C 120 14.64 32.22 -32.26
N ALA C 121 14.85 33.36 -32.92
CA ALA C 121 14.24 33.63 -34.22
C ALA C 121 14.47 32.50 -35.23
N ILE C 122 15.44 31.64 -34.93
CA ILE C 122 15.84 30.51 -35.77
C ILE C 122 14.93 29.26 -35.72
N GLN C 123 14.33 28.99 -34.54
CA GLN C 123 13.48 27.81 -34.40
C GLN C 123 11.99 28.12 -34.47
N THR C 124 11.19 27.08 -34.65
CA THR C 124 9.75 27.18 -34.75
C THR C 124 9.08 27.21 -33.37
N LEU C 125 8.13 28.12 -33.20
CA LEU C 125 7.47 28.23 -31.91
C LEU C 125 6.19 27.42 -31.72
N SER C 126 6.04 26.39 -32.55
CA SER C 126 4.88 25.54 -32.43
C SER C 126 4.93 24.98 -31.03
N PRO C 127 3.77 24.89 -30.38
CA PRO C 127 3.70 24.35 -29.02
C PRO C 127 4.20 22.93 -29.17
N LEU C 128 5.00 22.50 -28.22
CA LEU C 128 5.58 21.18 -28.29
C LEU C 128 4.96 20.29 -27.25
N ILE C 129 4.64 19.06 -27.64
CA ILE C 129 3.98 18.16 -26.71
C ILE C 129 4.44 16.70 -26.65
N VAL C 130 4.45 16.22 -25.42
CA VAL C 130 4.85 14.85 -25.11
C VAL C 130 3.71 14.04 -24.49
N LYS C 131 2.95 13.34 -25.33
CA LYS C 131 1.85 12.52 -24.84
C LYS C 131 2.57 11.63 -23.86
N CYS C 132 1.95 11.35 -22.72
CA CYS C 132 2.57 10.47 -21.75
C CYS C 132 2.19 9.04 -22.04
N PRO C 133 3.18 8.13 -22.03
CA PRO C 133 2.97 6.70 -22.29
C PRO C 133 2.45 5.92 -21.10
N LEU C 134 1.17 6.05 -20.81
CA LEU C 134 0.60 5.37 -19.65
C LEU C 134 0.75 3.86 -19.64
N GLU C 135 0.96 3.28 -20.80
CA GLU C 135 1.15 1.83 -20.92
C GLU C 135 2.38 1.50 -20.04
N MET C 136 3.33 2.42 -20.08
CA MET C 136 4.59 2.37 -19.34
C MET C 136 4.41 2.62 -17.85
N MET C 137 3.26 3.15 -17.48
CA MET C 137 3.02 3.48 -16.10
C MET C 137 1.79 2.87 -15.48
N GLN C 138 1.40 3.55 -14.43
CA GLN C 138 0.27 3.20 -13.60
C GLN C 138 -0.76 4.33 -13.74
N PRO C 139 -1.80 4.09 -14.56
CA PRO C 139 -2.91 5.01 -14.87
C PRO C 139 -3.85 5.41 -13.75
N ARG C 140 -3.93 4.57 -12.73
CA ARG C 140 -4.81 4.85 -11.62
C ARG C 140 -4.18 5.88 -10.69
N VAL C 141 -4.79 7.06 -10.63
CA VAL C 141 -4.31 8.13 -9.78
C VAL C 141 -5.05 8.11 -8.45
N LYS C 142 -6.12 7.32 -8.40
CA LYS C 142 -6.91 7.17 -7.19
C LYS C 142 -7.60 5.81 -7.18
N ASP C 143 -7.33 5.01 -6.14
CA ASP C 143 -7.98 3.72 -5.98
C ASP C 143 -8.12 3.41 -4.52
N SER C 144 -8.54 2.18 -4.23
CA SER C 144 -8.75 1.77 -2.86
C SER C 144 -7.39 1.63 -2.17
N ILE C 145 -6.34 1.63 -2.97
CA ILE C 145 -4.97 1.51 -2.45
C ILE C 145 -4.00 2.53 -3.04
N GLN C 146 -2.80 2.54 -2.50
CA GLN C 146 -1.78 3.49 -2.95
C GLN C 146 -0.80 2.90 -3.95
N TYR C 147 -1.04 3.07 -5.25
CA TYR C 147 -0.11 2.53 -6.23
C TYR C 147 1.14 3.39 -6.14
N LEU C 148 2.31 2.85 -6.51
CA LEU C 148 3.53 3.63 -6.41
C LEU C 148 4.11 4.02 -7.76
N ASP C 149 3.44 3.59 -8.82
CA ASP C 149 3.90 3.92 -10.16
C ASP C 149 2.96 4.85 -10.92
N SER C 150 2.18 5.65 -10.19
CA SER C 150 1.32 6.59 -10.89
C SER C 150 2.34 7.44 -11.70
N PRO C 151 1.89 8.22 -12.70
CA PRO C 151 2.86 9.02 -13.46
C PRO C 151 3.42 10.20 -12.70
N LYS C 152 4.71 10.45 -12.95
CA LYS C 152 5.47 11.56 -12.36
C LYS C 152 6.09 12.33 -13.53
N LEU C 153 6.11 13.65 -13.44
CA LEU C 153 6.66 14.45 -14.52
C LEU C 153 7.91 15.17 -14.10
N LEU C 154 8.94 15.08 -14.95
CA LEU C 154 10.20 15.74 -14.66
C LEU C 154 10.45 16.84 -15.64
N ILE C 155 10.69 18.04 -15.13
CA ILE C 155 10.95 19.19 -15.98
C ILE C 155 12.21 19.89 -15.52
N SER C 156 13.05 20.26 -16.49
CA SER C 156 14.27 20.95 -16.20
C SER C 156 14.37 22.21 -17.05
N ILE C 157 14.56 23.35 -16.39
CA ILE C 157 14.70 24.61 -17.10
C ILE C 157 16.08 25.21 -16.93
N THR C 158 16.64 25.64 -18.04
CA THR C 158 17.95 26.26 -18.07
C THR C 158 17.66 27.59 -18.78
N ALA C 159 17.81 28.68 -18.05
CA ALA C 159 17.50 30.02 -18.60
C ALA C 159 18.66 30.86 -19.11
N GLN C 160 18.34 31.83 -19.96
CA GLN C 160 19.35 32.72 -20.50
C GLN C 160 20.04 33.41 -19.31
N PRO C 161 21.35 33.66 -19.43
CA PRO C 161 22.11 34.32 -18.36
C PRO C 161 21.52 35.72 -18.25
N THR C 162 21.60 36.46 -19.34
CA THR C 162 21.02 37.78 -19.40
C THR C 162 19.54 37.44 -19.63
N ALA C 163 18.92 36.96 -18.57
CA ALA C 163 17.52 36.53 -18.58
C ALA C 163 16.51 37.56 -19.09
N PRO C 164 15.35 37.07 -19.52
CA PRO C 164 14.20 37.81 -20.06
C PRO C 164 13.37 38.45 -18.94
N PRO C 165 12.52 39.42 -19.31
CA PRO C 165 11.66 40.13 -18.36
C PRO C 165 10.60 39.24 -17.78
N ALA C 166 10.15 38.27 -18.57
CA ALA C 166 9.12 37.36 -18.12
C ALA C 166 9.22 36.00 -18.79
N SER C 167 8.53 35.04 -18.19
CA SER C 167 8.47 33.66 -18.66
C SER C 167 8.42 33.52 -20.20
N THR C 168 9.36 32.77 -20.77
CA THR C 168 9.46 32.57 -22.23
C THR C 168 8.53 31.50 -22.72
N CYS C 169 8.02 30.70 -21.79
CA CYS C 169 7.12 29.65 -22.19
C CYS C 169 6.40 29.07 -20.99
N ILE C 170 5.20 28.57 -21.26
CA ILE C 170 4.35 27.99 -20.24
C ILE C 170 4.18 26.51 -20.43
N ILE C 171 4.13 25.77 -19.32
CA ILE C 171 3.95 24.35 -19.44
C ILE C 171 2.65 23.90 -18.80
N THR C 172 1.76 23.33 -19.60
CA THR C 172 0.52 22.82 -19.08
C THR C 172 0.62 21.32 -19.19
N VAL C 173 -0.37 20.68 -18.60
CA VAL C 173 -0.49 19.25 -18.63
C VAL C 173 -1.98 19.02 -18.75
N SER C 174 -2.36 18.32 -19.80
CA SER C 174 -3.77 18.06 -20.02
C SER C 174 -4.02 16.57 -20.09
N GLY C 175 -5.26 16.20 -19.87
CA GLY C 175 -5.63 14.80 -19.92
C GLY C 175 -7.12 14.64 -19.70
N THR C 176 -7.54 13.39 -19.67
CA THR C 176 -8.94 13.07 -19.46
C THR C 176 -8.98 11.99 -18.40
N LEU C 177 -9.86 12.17 -17.42
CA LEU C 177 -10.01 11.25 -16.31
C LEU C 177 -11.27 10.40 -16.33
N SER C 178 -11.16 9.18 -15.82
CA SER C 178 -12.30 8.25 -15.77
C SER C 178 -12.52 7.81 -14.34
N MET C 179 -13.28 8.62 -13.63
CA MET C 179 -13.59 8.38 -12.23
C MET C 179 -14.95 7.69 -12.02
N HIS C 180 -15.14 7.10 -10.84
CA HIS C 180 -16.39 6.40 -10.51
C HIS C 180 -16.48 5.99 -9.03
N SER C 181 -17.67 5.58 -8.61
CA SER C 181 -17.89 5.19 -7.20
C SER C 181 -17.52 6.41 -6.36
N PRO C 182 -18.51 7.28 -6.07
CA PRO C 182 -18.34 8.51 -5.29
C PRO C 182 -17.95 8.28 -3.88
N LEU C 183 -17.05 9.14 -3.43
CA LEU C 183 -16.53 9.10 -2.08
C LEU C 183 -17.19 10.24 -1.32
N ILE C 184 -17.81 9.90 -0.20
CA ILE C 184 -18.52 10.84 0.66
C ILE C 184 -17.67 11.92 1.33
N THR C 185 -18.15 13.15 1.30
CA THR C 185 -17.41 14.25 1.89
C THR C 185 -18.21 15.55 1.88
N ASP C 186 -17.57 16.62 2.34
CA ASP C 186 -18.17 17.93 2.39
C ASP C 186 -18.40 18.51 0.99
N THR C 187 -19.67 18.61 0.66
CA THR C 187 -20.12 19.14 -0.62
C THR C 187 -20.25 20.66 -0.50
N SER C 188 -20.34 21.15 0.74
CA SER C 188 -20.48 22.57 1.03
C SER C 188 -19.75 23.44 0.00
N THR C 189 -18.46 23.18 -0.17
CA THR C 189 -17.66 23.95 -1.11
C THR C 189 -16.28 23.30 -1.22
N MET D 1 21.28 -44.49 -3.42
CA MET D 1 22.54 -43.88 -2.90
C MET D 1 22.26 -42.83 -1.83
N GLU D 2 23.31 -42.39 -1.13
CA GLU D 2 23.14 -41.38 -0.08
C GLU D 2 23.21 -39.96 -0.64
N ILE D 3 22.75 -38.99 0.16
CA ILE D 3 22.71 -37.56 -0.22
C ILE D 3 22.86 -36.71 1.03
N ASP D 4 24.00 -36.03 1.21
CA ASP D 4 24.18 -35.16 2.38
C ASP D 4 23.18 -34.03 2.22
N LYS D 5 21.93 -34.29 2.63
CA LYS D 5 20.85 -33.31 2.51
C LYS D 5 19.62 -33.90 3.21
N GLU D 6 19.41 -33.50 4.46
CA GLU D 6 18.27 -33.97 5.22
C GLU D 6 17.24 -32.85 5.16
N LEU D 7 15.96 -33.16 5.01
CA LEU D 7 15.01 -32.08 4.95
C LEU D 7 13.74 -32.28 5.75
N ALA D 8 13.35 -31.24 6.49
CA ALA D 8 12.18 -31.23 7.36
C ALA D 8 11.18 -30.20 6.92
N PRO D 9 10.23 -30.60 6.08
CA PRO D 9 9.20 -29.70 5.57
C PRO D 9 8.21 -29.39 6.66
N GLN D 10 7.72 -28.15 6.62
CA GLN D 10 6.78 -27.59 7.59
C GLN D 10 5.35 -28.04 7.44
N ASP D 11 4.69 -28.39 8.56
CA ASP D 11 3.28 -28.82 8.51
C ASP D 11 2.59 -27.65 7.81
N ARG D 12 1.54 -27.92 7.03
CA ARG D 12 0.89 -26.84 6.30
C ARG D 12 -0.62 -26.86 6.34
N THR D 13 -1.22 -25.88 5.67
CA THR D 13 -2.66 -25.75 5.54
C THR D 13 -2.96 -24.82 4.38
N VAL D 14 -4.22 -24.74 4.01
CA VAL D 14 -4.59 -23.92 2.87
C VAL D 14 -4.95 -22.48 3.24
N THR D 15 -4.13 -21.55 2.77
CA THR D 15 -4.33 -20.13 3.01
C THR D 15 -3.75 -19.33 1.83
N VAL D 16 -4.58 -18.50 1.23
CA VAL D 16 -4.19 -17.72 0.05
C VAL D 16 -3.97 -16.26 0.27
N ALA D 17 -3.36 -15.63 -0.73
CA ALA D 17 -3.11 -14.21 -0.71
C ALA D 17 -3.83 -13.65 -1.93
N THR D 18 -4.18 -12.37 -1.87
CA THR D 18 -4.85 -11.74 -3.01
C THR D 18 -3.68 -11.01 -3.65
N VAL D 19 -3.49 -11.22 -4.96
CA VAL D 19 -2.40 -10.58 -5.69
C VAL D 19 -2.96 -9.78 -6.84
N LEU D 20 -2.29 -8.67 -7.13
CA LEU D 20 -2.68 -7.78 -8.20
C LEU D 20 -2.46 -8.34 -9.60
N PRO D 21 -3.55 -8.56 -10.34
CA PRO D 21 -3.34 -9.07 -11.69
C PRO D 21 -2.79 -7.90 -12.49
N THR D 22 -2.09 -8.22 -13.56
CA THR D 22 -1.47 -7.23 -14.43
C THR D 22 -2.54 -6.52 -15.28
N VAL D 23 -2.25 -5.32 -15.79
CA VAL D 23 -3.26 -4.65 -16.61
C VAL D 23 -3.33 -5.34 -17.97
N PRO D 24 -4.47 -5.22 -18.66
CA PRO D 24 -4.57 -5.87 -19.96
C PRO D 24 -3.54 -5.30 -20.91
N GLY D 25 -2.84 -6.18 -21.62
CA GLY D 25 -1.84 -5.73 -22.54
C GLY D 25 -0.92 -6.84 -22.97
N PRO D 26 0.31 -6.50 -23.41
CA PRO D 26 1.31 -7.45 -23.86
C PRO D 26 2.21 -8.02 -22.76
N SER D 27 2.36 -9.34 -22.75
CA SER D 27 3.19 -10.02 -21.75
C SER D 27 4.64 -9.53 -21.86
N PRO D 28 5.26 -9.16 -20.72
CA PRO D 28 6.64 -8.70 -20.82
C PRO D 28 7.55 -9.90 -20.63
N PHE D 29 8.79 -9.76 -21.07
CA PHE D 29 9.74 -10.84 -20.95
C PHE D 29 10.07 -10.94 -19.48
N THR D 30 10.32 -12.17 -19.05
CA THR D 30 10.66 -12.47 -17.68
C THR D 30 11.93 -13.26 -17.61
N ILE D 31 12.76 -12.98 -16.62
CA ILE D 31 13.98 -13.76 -16.40
C ILE D 31 13.95 -14.14 -14.95
N LYS D 32 14.72 -15.17 -14.62
CA LYS D 32 14.80 -15.65 -13.25
C LYS D 32 16.24 -15.41 -12.77
N GLN D 33 16.39 -15.18 -11.48
CA GLN D 33 17.69 -14.97 -10.86
C GLN D 33 17.59 -15.67 -9.49
N PRO D 34 18.63 -16.45 -9.11
CA PRO D 34 18.69 -17.19 -7.86
C PRO D 34 19.62 -16.52 -6.87
N PHE D 35 19.75 -17.08 -5.67
CA PHE D 35 20.62 -16.47 -4.66
C PHE D 35 20.74 -17.28 -3.39
N GLN D 36 21.65 -16.83 -2.53
CA GLN D 36 21.83 -17.42 -1.22
C GLN D 36 22.19 -16.23 -0.36
N SER D 37 21.45 -16.07 0.73
CA SER D 37 21.70 -14.95 1.63
C SER D 37 22.05 -15.47 2.99
N GLU D 38 23.12 -14.92 3.57
CA GLU D 38 23.55 -15.33 4.88
C GLU D 38 22.50 -14.80 5.82
N VAL D 39 22.05 -15.66 6.73
CA VAL D 39 21.02 -15.28 7.69
C VAL D 39 21.56 -15.19 9.10
N LEU D 40 22.40 -16.15 9.47
CA LEU D 40 22.95 -16.14 10.81
C LEU D 40 24.03 -17.18 11.12
N PHE D 41 25.06 -16.75 11.84
CA PHE D 41 26.15 -17.64 12.24
C PHE D 41 25.93 -17.93 13.71
N ALA D 42 25.14 -18.97 13.97
CA ALA D 42 24.76 -19.27 15.34
C ALA D 42 25.51 -20.34 16.08
N GLY D 43 25.10 -20.49 17.33
CA GLY D 43 25.65 -21.51 18.19
C GLY D 43 26.45 -21.02 19.38
N THR D 44 26.92 -19.80 19.29
CA THR D 44 27.74 -19.22 20.33
C THR D 44 26.99 -18.67 21.52
N LYS D 45 25.80 -18.15 21.28
CA LYS D 45 24.97 -17.59 22.34
C LYS D 45 23.53 -17.75 21.89
N ASP D 46 22.59 -17.74 22.83
CA ASP D 46 21.21 -17.87 22.41
C ASP D 46 20.99 -16.57 21.66
N ALA D 47 20.24 -16.65 20.58
CA ALA D 47 19.95 -15.46 19.81
C ALA D 47 18.78 -15.84 18.96
N GLU D 48 18.17 -14.85 18.33
CA GLU D 48 17.03 -15.13 17.49
C GLU D 48 17.03 -14.15 16.34
N ALA D 49 16.24 -14.44 15.32
CA ALA D 49 16.16 -13.56 14.17
C ALA D 49 14.87 -13.75 13.42
N SER D 50 14.29 -12.63 13.00
CA SER D 50 13.05 -12.65 12.25
C SER D 50 13.31 -11.73 11.10
N LEU D 51 12.94 -12.16 9.91
CA LEU D 51 13.15 -11.26 8.80
C LEU D 51 12.30 -11.49 7.57
N THR D 52 11.75 -10.37 7.11
CA THR D 52 10.92 -10.28 5.94
C THR D 52 11.93 -10.57 4.84
N ILE D 53 11.73 -11.66 4.13
CA ILE D 53 12.67 -12.05 3.09
C ILE D 53 12.73 -11.00 2.01
N ALA D 54 11.55 -10.55 1.59
CA ALA D 54 11.46 -9.56 0.52
C ALA D 54 12.35 -8.35 0.70
N ASN D 55 12.96 -8.21 1.88
CA ASN D 55 13.80 -7.06 2.15
C ASN D 55 15.30 -7.29 2.32
N ILE D 56 15.80 -8.49 2.06
CA ILE D 56 17.23 -8.66 2.25
C ILE D 56 18.03 -8.22 1.05
N ASP D 57 19.26 -7.79 1.31
CA ASP D 57 20.14 -7.30 0.27
C ASP D 57 20.10 -8.08 -1.03
N SER D 58 20.33 -9.39 -0.96
CA SER D 58 20.32 -10.18 -2.18
C SER D 58 19.09 -9.93 -3.03
N VAL D 59 17.93 -9.80 -2.41
CA VAL D 59 16.72 -9.54 -3.19
C VAL D 59 16.71 -8.11 -3.65
N SER D 60 16.79 -7.21 -2.68
CA SER D 60 16.77 -5.80 -2.94
C SER D 60 17.60 -5.44 -4.18
N THR D 61 18.81 -6.00 -4.28
CA THR D 61 19.70 -5.67 -5.39
C THR D 61 19.39 -6.31 -6.72
N LEU D 62 18.99 -7.57 -6.73
CA LEU D 62 18.67 -8.23 -7.98
C LEU D 62 17.49 -7.53 -8.64
N THR D 63 16.57 -7.07 -7.80
CA THR D 63 15.37 -6.39 -8.26
C THR D 63 15.55 -4.93 -8.62
N THR D 64 16.61 -4.31 -8.13
CA THR D 64 16.87 -2.92 -8.49
C THR D 64 16.69 -2.99 -10.00
N PHE D 65 15.98 -2.04 -10.59
CA PHE D 65 15.78 -2.04 -12.06
C PHE D 65 14.57 -2.77 -12.64
N TYR D 66 13.81 -3.49 -11.81
CA TYR D 66 12.61 -4.15 -12.31
C TYR D 66 11.42 -3.68 -11.47
N ARG D 67 10.23 -3.64 -12.06
CA ARG D 67 9.07 -3.18 -11.34
C ARG D 67 8.37 -4.31 -10.60
N HIS D 68 8.42 -5.53 -11.15
CA HIS D 68 7.79 -6.67 -10.50
C HIS D 68 8.72 -7.83 -10.40
N ALA D 69 8.53 -8.61 -9.34
CA ALA D 69 9.34 -9.80 -9.07
C ALA D 69 8.73 -10.64 -7.95
N SER D 70 8.35 -11.86 -8.31
CA SER D 70 7.76 -12.84 -7.41
C SER D 70 8.85 -13.84 -7.05
N LEU D 71 8.56 -14.71 -6.09
CA LEU D 71 9.51 -15.75 -5.65
C LEU D 71 9.15 -17.11 -6.20
N GLU D 72 10.00 -17.67 -7.07
CA GLU D 72 9.68 -18.98 -7.65
C GLU D 72 9.87 -20.14 -6.67
N SER D 73 10.90 -20.06 -5.84
CA SER D 73 11.15 -21.09 -4.85
C SER D 73 12.00 -20.49 -3.74
N LEU D 74 11.78 -20.96 -2.52
CA LEU D 74 12.52 -20.41 -1.40
C LEU D 74 12.60 -21.39 -0.24
N TRP D 75 13.77 -21.47 0.36
CA TRP D 75 13.95 -22.36 1.50
C TRP D 75 15.10 -21.84 2.34
N VAL D 76 15.28 -22.45 3.49
CA VAL D 76 16.34 -22.07 4.38
C VAL D 76 17.14 -23.32 4.70
N THR D 77 18.45 -23.16 4.80
CA THR D 77 19.32 -24.26 5.09
C THR D 77 20.11 -24.07 6.37
N ILE D 78 20.23 -25.15 7.14
CA ILE D 78 21.02 -25.08 8.35
C ILE D 78 22.26 -25.85 8.01
N HIS D 79 23.41 -25.20 8.07
CA HIS D 79 24.64 -25.88 7.74
C HIS D 79 25.40 -26.10 9.00
N PRO D 80 25.51 -27.36 9.42
CA PRO D 80 26.24 -27.62 10.65
C PRO D 80 27.71 -27.39 10.36
N THR D 81 28.41 -26.88 11.37
CA THR D 81 29.83 -26.54 11.30
C THR D 81 30.68 -27.64 11.98
N LEU D 82 31.97 -27.40 12.19
CA LEU D 82 32.84 -28.40 12.83
C LEU D 82 32.73 -28.37 14.33
N GLN D 83 31.94 -27.44 14.85
CA GLN D 83 31.76 -27.32 16.28
C GLN D 83 30.45 -27.97 16.70
N ALA D 84 29.64 -28.27 15.71
CA ALA D 84 28.35 -28.87 15.94
C ALA D 84 28.37 -30.20 16.70
N PRO D 85 29.36 -31.05 16.43
CA PRO D 85 29.38 -32.32 17.15
C PRO D 85 29.70 -32.16 18.62
N ALA D 86 30.76 -31.42 18.90
CA ALA D 86 31.18 -31.20 20.27
C ALA D 86 30.20 -30.33 21.05
N PHE D 87 29.38 -29.56 20.34
CA PHE D 87 28.42 -28.64 20.95
C PHE D 87 27.01 -28.65 20.34
N PRO D 88 26.17 -29.64 20.70
CA PRO D 88 24.80 -29.74 20.19
C PRO D 88 24.04 -28.47 20.40
N THR D 89 23.36 -28.00 19.36
CA THR D 89 22.61 -26.75 19.46
C THR D 89 21.14 -26.88 19.09
N THR D 90 20.30 -26.07 19.73
CA THR D 90 18.88 -26.13 19.45
C THR D 90 18.52 -25.01 18.51
N VAL D 91 17.88 -25.38 17.41
CA VAL D 91 17.49 -24.40 16.42
C VAL D 91 16.00 -24.51 16.12
N GLY D 92 15.36 -23.35 16.10
CA GLY D 92 13.94 -23.30 15.82
C GLY D 92 13.72 -22.60 14.51
N VAL D 93 12.72 -23.06 13.78
CA VAL D 93 12.43 -22.50 12.48
C VAL D 93 10.98 -22.43 12.13
N CYS D 94 10.61 -21.32 11.50
CA CYS D 94 9.24 -21.15 11.09
C CYS D 94 9.01 -20.13 10.01
N TRP D 95 8.31 -20.57 8.97
CA TRP D 95 7.97 -19.70 7.86
C TRP D 95 6.62 -19.11 8.22
N VAL D 96 6.48 -17.81 8.03
CA VAL D 96 5.25 -17.14 8.39
C VAL D 96 5.06 -15.86 7.58
N PRO D 97 3.80 -15.48 7.28
CA PRO D 97 3.60 -14.25 6.51
C PRO D 97 3.94 -12.99 7.29
N ALA D 98 4.61 -12.06 6.61
CA ALA D 98 5.02 -10.80 7.21
C ALA D 98 4.06 -10.27 8.26
N GLN D 99 2.77 -10.37 7.96
CA GLN D 99 1.71 -9.88 8.82
C GLN D 99 1.49 -10.64 10.11
N SER D 100 2.10 -11.81 10.25
CA SER D 100 1.94 -12.55 11.48
C SER D 100 2.86 -11.94 12.52
N PRO D 101 2.29 -11.55 13.66
CA PRO D 101 3.02 -10.91 14.76
C PRO D 101 3.78 -11.86 15.66
N VAL D 102 3.99 -13.10 15.21
CA VAL D 102 4.72 -14.01 16.06
C VAL D 102 6.17 -13.70 16.14
N THR D 103 6.74 -14.04 17.28
CA THR D 103 8.14 -13.80 17.51
C THR D 103 8.78 -15.18 17.66
N PRO D 104 10.06 -15.30 17.32
CA PRO D 104 10.77 -16.57 17.42
C PRO D 104 10.58 -17.29 18.76
N THR D 105 10.40 -16.52 19.82
CA THR D 105 10.19 -17.09 21.16
C THR D 105 9.02 -18.07 21.17
N GLN D 106 8.01 -17.75 20.38
CA GLN D 106 6.83 -18.58 20.31
C GLN D 106 6.72 -19.44 19.07
N ILE D 107 7.84 -19.97 18.59
CA ILE D 107 7.79 -20.81 17.40
C ILE D 107 6.99 -22.07 17.70
N THR D 108 7.22 -22.58 18.88
CA THR D 108 6.56 -23.78 19.32
C THR D 108 5.07 -23.64 19.59
N LYS D 109 4.57 -22.41 19.70
CA LYS D 109 3.14 -22.21 19.94
C LYS D 109 2.47 -21.99 18.60
N THR D 110 3.30 -21.76 17.60
CA THR D 110 2.82 -21.55 16.24
C THR D 110 2.69 -22.84 15.46
N TYR D 111 1.62 -22.93 14.68
CA TYR D 111 1.36 -24.13 13.89
C TYR D 111 2.50 -24.84 13.19
N GLY D 112 3.05 -24.26 12.13
CA GLY D 112 4.12 -24.98 11.45
C GLY D 112 5.45 -25.16 12.22
N GLY D 113 5.66 -24.28 13.19
CA GLY D 113 6.85 -24.25 14.03
C GLY D 113 7.61 -25.55 14.22
N GLN D 114 8.93 -25.49 14.06
CA GLN D 114 9.78 -26.67 14.19
C GLN D 114 11.01 -26.47 15.08
N ILE D 115 11.53 -27.56 15.64
CA ILE D 115 12.69 -27.50 16.53
C ILE D 115 13.67 -28.65 16.33
N PHE D 116 14.94 -28.31 16.09
CA PHE D 116 15.93 -29.35 15.89
C PHE D 116 17.15 -29.30 16.74
N CYS D 117 17.68 -30.48 17.03
CA CYS D 117 18.92 -30.56 17.77
C CYS D 117 19.97 -30.73 16.69
N ILE D 118 20.99 -29.91 16.76
CA ILE D 118 22.03 -29.97 15.76
C ILE D 118 23.34 -30.53 16.29
N GLY D 119 23.69 -31.73 15.82
CA GLY D 119 24.92 -32.36 16.23
C GLY D 119 24.85 -33.02 17.59
N GLY D 120 25.95 -33.64 18.01
CA GLY D 120 25.99 -34.30 19.30
C GLY D 120 25.53 -35.74 19.35
N ALA D 121 24.79 -36.19 18.33
CA ALA D 121 24.29 -37.57 18.27
C ALA D 121 24.11 -38.08 16.86
N ILE D 122 24.07 -39.39 16.69
CA ILE D 122 23.94 -40.00 15.37
C ILE D 122 23.03 -39.26 14.42
N GLN D 123 23.54 -39.05 13.19
CA GLN D 123 22.78 -38.36 12.15
C GLN D 123 22.23 -37.05 12.67
N THR D 124 23.06 -36.02 12.64
CA THR D 124 22.62 -34.73 13.13
C THR D 124 23.31 -33.67 12.33
N LEU D 125 24.39 -34.06 11.67
CA LEU D 125 25.22 -33.15 10.90
C LEU D 125 24.92 -32.96 9.40
N SER D 126 23.91 -33.65 8.90
CA SER D 126 23.57 -33.44 7.51
C SER D 126 22.91 -32.06 7.51
N PRO D 127 23.11 -31.25 6.47
CA PRO D 127 22.51 -29.93 6.41
C PRO D 127 20.98 -30.03 6.24
N LEU D 128 20.25 -29.23 7.03
CA LEU D 128 18.79 -29.22 7.05
C LEU D 128 18.07 -28.24 6.15
N ILE D 129 16.93 -28.67 5.63
CA ILE D 129 16.20 -27.80 4.75
C ILE D 129 14.69 -27.66 4.96
N VAL D 130 14.25 -26.42 5.10
CA VAL D 130 12.83 -26.19 5.24
C VAL D 130 12.37 -25.34 4.08
N LYS D 131 11.72 -25.99 3.12
CA LYS D 131 11.23 -25.26 1.97
C LYS D 131 10.17 -24.35 2.55
N CYS D 132 10.12 -23.13 2.04
CA CYS D 132 9.09 -22.21 2.48
C CYS D 132 7.93 -22.56 1.57
N PRO D 133 6.71 -22.64 2.13
CA PRO D 133 5.50 -22.96 1.37
C PRO D 133 4.83 -21.72 0.79
N LEU D 134 5.40 -21.18 -0.27
CA LEU D 134 4.87 -19.99 -0.91
C LEU D 134 3.41 -20.24 -1.27
N GLU D 135 3.07 -21.52 -1.32
CA GLU D 135 1.72 -22.00 -1.64
C GLU D 135 0.78 -21.25 -0.70
N MET D 136 1.23 -21.06 0.54
CA MET D 136 0.43 -20.39 1.54
C MET D 136 1.08 -19.09 2.04
N MET D 137 1.68 -18.37 1.11
CA MET D 137 2.31 -17.11 1.43
C MET D 137 2.05 -16.16 0.28
N GLN D 138 2.69 -15.02 0.37
CA GLN D 138 2.57 -13.99 -0.63
C GLN D 138 3.88 -13.94 -1.41
N PRO D 139 3.94 -14.66 -2.54
CA PRO D 139 5.12 -14.74 -3.41
C PRO D 139 5.71 -13.44 -3.94
N ARG D 140 4.87 -12.45 -4.18
CA ARG D 140 5.33 -11.19 -4.72
C ARG D 140 6.18 -10.37 -3.73
N VAL D 141 7.36 -9.96 -4.16
CA VAL D 141 8.30 -9.20 -3.33
C VAL D 141 8.63 -7.79 -3.85
N LYS D 142 8.10 -7.48 -5.03
CA LYS D 142 8.25 -6.16 -5.63
C LYS D 142 7.09 -6.08 -6.59
N ASP D 143 6.24 -5.07 -6.39
CA ASP D 143 5.10 -4.90 -7.28
C ASP D 143 4.67 -3.46 -7.33
N SER D 144 3.56 -3.23 -8.03
CA SER D 144 2.97 -1.90 -8.18
C SER D 144 2.50 -1.38 -6.83
N ILE D 145 2.54 -2.27 -5.82
CA ILE D 145 2.13 -1.95 -4.47
C ILE D 145 2.87 -2.88 -3.51
N GLN D 146 2.97 -2.51 -2.22
CA GLN D 146 3.65 -3.36 -1.24
C GLN D 146 2.63 -4.23 -0.57
N TYR D 147 2.93 -5.52 -0.44
CA TYR D 147 2.02 -6.47 0.19
C TYR D 147 2.50 -6.67 1.62
N LEU D 148 1.66 -7.26 2.46
CA LEU D 148 2.06 -7.46 3.85
C LEU D 148 2.09 -8.92 4.31
N ASP D 149 1.98 -9.84 3.35
CA ASP D 149 2.04 -11.25 3.69
C ASP D 149 3.17 -11.95 2.97
N SER D 150 4.19 -11.20 2.56
CA SER D 150 5.36 -11.79 1.90
C SER D 150 6.00 -12.68 2.96
N PRO D 151 6.88 -13.60 2.54
CA PRO D 151 7.53 -14.51 3.48
C PRO D 151 8.40 -13.81 4.50
N LYS D 152 8.32 -14.31 5.72
CA LYS D 152 9.07 -13.83 6.88
C LYS D 152 9.66 -15.08 7.51
N LEU D 153 10.92 -15.04 7.89
CA LEU D 153 11.50 -16.22 8.48
C LEU D 153 11.86 -16.03 9.94
N LEU D 154 11.46 -16.99 10.76
CA LEU D 154 11.71 -16.93 12.19
C LEU D 154 12.72 -17.96 12.59
N ILE D 155 13.77 -17.52 13.29
CA ILE D 155 14.81 -18.44 13.75
C ILE D 155 15.11 -18.27 15.24
N SER D 156 15.22 -19.38 15.95
CA SER D 156 15.51 -19.33 17.37
C SER D 156 16.72 -20.19 17.68
N ILE D 157 17.67 -19.63 18.41
CA ILE D 157 18.86 -20.39 18.77
C ILE D 157 18.98 -20.51 20.27
N THR D 158 19.26 -21.72 20.73
CA THR D 158 19.43 -21.98 22.15
C THR D 158 20.77 -22.69 22.24
N ALA D 159 21.80 -21.95 22.68
CA ALA D 159 23.16 -22.49 22.74
C ALA D 159 23.54 -23.21 24.03
N GLN D 160 24.66 -23.94 23.97
CA GLN D 160 25.13 -24.67 25.14
C GLN D 160 25.50 -23.71 26.27
N PRO D 161 25.19 -24.10 27.50
CA PRO D 161 25.50 -23.27 28.66
C PRO D 161 26.98 -22.95 28.53
N THR D 162 27.79 -24.00 28.51
CA THR D 162 29.22 -23.89 28.34
C THR D 162 29.34 -23.88 26.83
N ALA D 163 29.30 -22.67 26.28
CA ALA D 163 29.31 -22.45 24.83
C ALA D 163 30.56 -22.78 24.03
N PRO D 164 30.39 -22.98 22.72
CA PRO D 164 31.47 -23.30 21.78
C PRO D 164 32.28 -22.05 21.50
N PRO D 165 33.50 -22.21 20.99
CA PRO D 165 34.40 -21.10 20.68
C PRO D 165 33.99 -20.42 19.40
N ALA D 166 33.07 -21.05 18.67
CA ALA D 166 32.61 -20.46 17.42
C ALA D 166 31.31 -21.06 16.95
N SER D 167 30.65 -20.32 16.07
CA SER D 167 29.36 -20.69 15.49
C SER D 167 29.33 -22.20 15.15
N THR D 168 28.30 -22.91 15.65
CA THR D 168 28.17 -24.35 15.43
C THR D 168 27.46 -24.60 14.14
N CYS D 169 26.84 -23.58 13.60
CA CYS D 169 26.15 -23.77 12.35
C CYS D 169 25.78 -22.47 11.68
N ILE D 170 25.67 -22.56 10.36
CA ILE D 170 25.33 -21.43 9.52
C ILE D 170 23.96 -21.57 8.93
N ILE D 171 23.24 -20.47 8.94
CA ILE D 171 21.93 -20.52 8.39
C ILE D 171 21.83 -19.57 7.24
N THR D 172 21.54 -20.13 6.09
CA THR D 172 21.41 -19.34 4.89
C THR D 172 20.06 -19.65 4.35
N VAL D 173 19.54 -18.70 3.62
CA VAL D 173 18.27 -18.89 3.02
C VAL D 173 18.61 -18.73 1.54
N SER D 174 17.97 -19.50 0.69
CA SER D 174 18.24 -19.41 -0.72
C SER D 174 16.96 -19.67 -1.48
N GLY D 175 16.99 -19.33 -2.75
CA GLY D 175 15.83 -19.52 -3.59
C GLY D 175 16.09 -18.81 -4.90
N THR D 176 15.04 -18.64 -5.70
CA THR D 176 15.19 -17.97 -6.97
C THR D 176 13.91 -17.19 -7.26
N LEU D 177 14.04 -16.03 -7.91
CA LEU D 177 12.86 -15.22 -8.19
C LEU D 177 12.76 -14.81 -9.66
N SER D 178 11.54 -14.52 -10.10
CA SER D 178 11.30 -14.11 -11.47
C SER D 178 10.99 -12.62 -11.49
N MET D 179 11.38 -11.93 -12.54
CA MET D 179 11.10 -10.51 -12.61
C MET D 179 10.89 -10.04 -14.03
N HIS D 180 10.23 -8.89 -14.15
CA HIS D 180 9.98 -8.29 -15.44
C HIS D 180 9.69 -6.82 -15.29
N SER D 181 9.42 -6.17 -16.43
CA SER D 181 9.11 -4.74 -16.45
C SER D 181 10.23 -3.91 -15.86
N PRO D 182 11.06 -3.31 -16.72
CA PRO D 182 12.18 -2.47 -16.30
C PRO D 182 11.73 -1.21 -15.60
N LEU D 183 12.50 -0.80 -14.60
CA LEU D 183 12.17 0.41 -13.88
C LEU D 183 13.02 1.50 -14.47
N ILE D 184 12.41 2.34 -15.29
CA ILE D 184 13.12 3.42 -15.96
C ILE D 184 13.74 4.46 -15.01
N THR D 185 15.00 4.25 -14.63
CA THR D 185 15.70 5.17 -13.74
C THR D 185 17.07 5.53 -14.31
N ASP D 186 17.92 6.12 -13.47
CA ASP D 186 19.26 6.51 -13.86
C ASP D 186 20.11 5.25 -13.81
N THR D 187 20.52 4.80 -14.99
CA THR D 187 21.32 3.61 -15.15
C THR D 187 22.79 3.86 -14.91
N SER D 188 23.25 5.10 -15.05
CA SER D 188 24.66 5.41 -14.87
C SER D 188 25.07 5.28 -13.41
N THR D 189 25.19 4.02 -13.00
CA THR D 189 25.54 3.49 -11.66
C THR D 189 24.32 3.32 -10.77
#